data_3LZ8
#
_entry.id   3LZ8
#
_cell.length_a   61.886
_cell.length_b   67.396
_cell.length_c   136.818
_cell.angle_alpha   90.00
_cell.angle_beta   90.00
_cell.angle_gamma   90.00
#
_symmetry.space_group_name_H-M   'P 21 21 21'
#
loop_
_entity.id
_entity.type
_entity.pdbx_description
1 polymer 'Putative chaperone DnaJ'
2 water water
#
_entity_poly.entity_id   1
_entity_poly.type   'polypeptide(L)'
_entity_poly.pdbx_seq_one_letter_code
;MHHHHHHSSGVDLGTENLYFQSNAMELKDYYAILGVQPTDDLKTIKTAYRRLARKYHPDVSKENDAEAKFKDLAEAWEVL
KDEQRRAEYDQLWQHRNDPGFGRQRQTHEQSYSQQDFDDIFSSMFGQQAHQRRRQHAARGHDLEIEVAVFLEETLAEQTR
TISYNLPVYNVFGMIESETPKTLNVKIPAGVVDGQRIRLKGQGTPGENGGPNGDLWLVIHIAPHPLFDIVGHNLEIVLPL
APWEAALGAKVTVPTLKESILLTVPPGSQAGQRLRIKGKGLVSKTHTGDLFAVIKIVMPTKPDEKARELWQQLAAAEASF
DPRKTWGKA
;
_entity_poly.pdbx_strand_id   A,B
#
# COMPACT_ATOMS: atom_id res chain seq x y z
N ALA A 137 -45.37 15.36 -19.40
CA ALA A 137 -44.21 15.99 -20.07
C ALA A 137 -42.88 15.43 -19.50
N ALA A 138 -42.85 14.10 -19.31
CA ALA A 138 -41.70 13.35 -18.71
C ALA A 138 -40.37 13.20 -19.49
N ARG A 139 -39.40 12.52 -18.84
CA ARG A 139 -38.04 12.26 -19.38
C ARG A 139 -37.53 10.85 -18.99
N GLY A 140 -36.31 10.50 -19.45
CA GLY A 140 -35.75 9.16 -19.24
C GLY A 140 -35.03 8.72 -17.96
N HIS A 141 -34.73 7.42 -17.93
CA HIS A 141 -34.03 6.76 -16.83
C HIS A 141 -32.65 6.36 -17.39
N ASP A 142 -31.66 6.20 -16.50
CA ASP A 142 -30.30 5.81 -16.91
C ASP A 142 -29.95 4.37 -16.58
N LEU A 143 -28.80 3.92 -17.10
CA LEU A 143 -28.29 2.57 -16.88
C LEU A 143 -26.80 2.49 -16.68
N GLU A 144 -26.37 1.69 -15.72
CA GLU A 144 -24.97 1.47 -15.47
C GLU A 144 -24.70 0.06 -15.98
N ILE A 145 -23.64 -0.09 -16.77
CA ILE A 145 -23.26 -1.40 -17.27
C ILE A 145 -21.78 -1.66 -16.98
N GLU A 146 -21.55 -2.68 -16.17
CA GLU A 146 -20.19 -3.06 -15.83
C GLU A 146 -19.59 -3.66 -17.08
N VAL A 147 -18.36 -3.29 -17.39
CA VAL A 147 -17.69 -3.80 -18.57
C VAL A 147 -16.32 -4.31 -18.18
N ALA A 148 -16.24 -5.60 -17.86
CA ALA A 148 -14.99 -6.20 -17.43
C ALA A 148 -13.89 -6.26 -18.52
N VAL A 149 -12.71 -5.71 -18.25
CA VAL A 149 -11.56 -5.76 -19.16
C VAL A 149 -10.42 -6.48 -18.46
N PHE A 150 -9.39 -6.91 -19.18
CA PHE A 150 -8.23 -7.56 -18.55
C PHE A 150 -7.06 -6.65 -18.75
N LEU A 151 -6.18 -6.64 -17.77
CA LEU A 151 -5.06 -5.75 -17.84
C LEU A 151 -4.34 -5.87 -19.18
N GLU A 152 -4.23 -7.09 -19.70
CA GLU A 152 -3.51 -7.29 -20.97
C GLU A 152 -4.26 -6.69 -22.16
N GLU A 153 -5.58 -6.72 -22.06
CA GLU A 153 -6.45 -6.21 -23.11
C GLU A 153 -6.26 -4.70 -23.31
N THR A 154 -6.04 -4.01 -22.21
CA THR A 154 -5.77 -2.57 -22.17
C THR A 154 -4.62 -2.10 -23.03
N LEU A 155 -3.72 -2.99 -23.39
CA LEU A 155 -2.57 -2.56 -24.17
C LEU A 155 -2.83 -2.05 -25.56
N ALA A 156 -4.03 -2.29 -26.07
CA ALA A 156 -4.37 -1.86 -27.42
C ALA A 156 -5.84 -1.58 -27.49
N GLU A 157 -6.26 -0.91 -28.56
CA GLU A 157 -7.69 -0.62 -28.77
C GLU A 157 -8.37 -1.95 -29.01
N GLN A 158 -9.56 -2.13 -28.45
CA GLN A 158 -10.25 -3.40 -28.69
C GLN A 158 -11.77 -3.19 -28.99
N THR A 159 -12.27 -3.82 -30.06
CA THR A 159 -13.69 -3.75 -30.43
C THR A 159 -14.39 -4.71 -29.49
N ARG A 160 -15.50 -4.28 -28.91
CA ARG A 160 -16.18 -5.07 -27.92
C ARG A 160 -17.70 -5.08 -28.14
N THR A 161 -18.33 -6.18 -27.77
CA THR A 161 -19.74 -6.35 -27.97
C THR A 161 -20.46 -6.59 -26.66
N ILE A 162 -21.02 -5.52 -26.13
CA ILE A 162 -21.74 -5.62 -24.87
C ILE A 162 -23.19 -5.92 -25.10
N SER A 163 -23.67 -6.96 -24.43
CA SER A 163 -25.04 -7.30 -24.52
C SER A 163 -25.62 -6.85 -23.20
N TYR A 164 -26.75 -6.15 -23.28
CA TYR A 164 -27.45 -5.70 -22.08
C TYR A 164 -28.96 -5.77 -22.27
N ASN A 165 -29.69 -5.26 -21.28
CA ASN A 165 -31.13 -5.27 -21.25
C ASN A 165 -31.67 -3.88 -21.03
N LEU A 166 -32.66 -3.47 -21.82
CA LEU A 166 -33.26 -2.14 -21.63
C LEU A 166 -34.61 -2.32 -20.93
N PRO A 167 -34.72 -1.76 -19.73
CA PRO A 167 -35.95 -1.85 -18.93
C PRO A 167 -37.21 -1.25 -19.53
N VAL A 168 -38.34 -1.74 -19.03
CA VAL A 168 -39.64 -1.26 -19.43
C VAL A 168 -40.55 -1.15 -18.21
N TYR A 169 -40.79 0.11 -17.82
CA TYR A 169 -41.68 0.43 -16.73
C TYR A 169 -43.02 0.72 -17.35
N ASN A 170 -44.05 0.19 -16.73
CA ASN A 170 -45.41 0.47 -17.13
C ASN A 170 -45.60 1.99 -16.97
N VAL A 171 -46.57 2.61 -17.66
CA VAL A 171 -46.78 4.09 -17.53
C VAL A 171 -47.42 4.24 -16.10
N PHE A 172 -46.76 3.61 -15.11
CA PHE A 172 -46.81 3.76 -13.64
C PHE A 172 -45.43 4.25 -13.16
N GLY A 173 -44.51 3.31 -13.01
CA GLY A 173 -43.14 3.59 -12.57
C GLY A 173 -42.60 2.53 -11.62
N ILE A 175 -41.91 -2.06 -13.22
CA ILE A 175 -41.15 -2.86 -14.17
C ILE A 175 -41.70 -4.28 -14.40
N GLU A 176 -41.86 -4.67 -15.66
CA GLU A 176 -42.38 -6.02 -16.01
C GLU A 176 -41.79 -6.67 -17.29
N SER A 177 -40.82 -6.02 -17.92
CA SER A 177 -40.22 -6.50 -19.18
C SER A 177 -38.73 -6.10 -19.22
N GLU A 178 -38.05 -6.41 -20.33
CA GLU A 178 -36.62 -6.04 -20.54
C GLU A 178 -36.10 -6.14 -21.99
N THR A 179 -36.53 -5.23 -22.89
CA THR A 179 -36.07 -5.26 -24.30
C THR A 179 -34.52 -5.16 -24.37
N PRO A 180 -33.84 -6.29 -24.68
CA PRO A 180 -32.38 -6.25 -24.69
C PRO A 180 -31.77 -5.58 -25.90
N LYS A 181 -30.50 -5.24 -25.74
CA LYS A 181 -29.78 -4.60 -26.79
C LYS A 181 -28.35 -5.07 -26.84
N THR A 182 -27.65 -4.55 -27.82
CA THR A 182 -26.27 -4.87 -28.02
C THR A 182 -25.61 -3.71 -28.69
N LEU A 183 -24.44 -3.32 -28.17
CA LEU A 183 -23.69 -2.29 -28.84
C LEU A 183 -22.28 -2.71 -29.08
N ASN A 184 -21.76 -2.16 -30.15
CA ASN A 184 -20.44 -2.41 -30.60
C ASN A 184 -19.65 -1.13 -30.38
N VAL A 185 -18.73 -1.18 -29.42
CA VAL A 185 -17.88 -0.04 -29.09
C VAL A 185 -16.45 -0.38 -29.13
N LYS A 186 -15.64 0.56 -29.58
CA LYS A 186 -14.19 0.40 -29.61
C LYS A 186 -13.65 1.01 -28.32
N ILE A 187 -13.25 0.15 -27.40
CA ILE A 187 -12.67 0.61 -26.15
C ILE A 187 -11.24 1.04 -26.41
N PRO A 188 -10.84 2.20 -25.87
CA PRO A 188 -9.50 2.70 -26.20
C PRO A 188 -8.34 2.14 -25.39
N ALA A 189 -7.16 2.27 -25.99
CA ALA A 189 -5.93 1.80 -25.40
C ALA A 189 -5.61 2.63 -24.19
N GLY A 190 -5.56 2.01 -23.01
CA GLY A 190 -5.20 2.74 -21.83
C GLY A 190 -6.25 2.96 -20.79
N VAL A 191 -7.42 2.33 -20.93
CA VAL A 191 -8.48 2.53 -19.94
C VAL A 191 -7.99 2.13 -18.53
N VAL A 192 -8.78 2.45 -17.49
CA VAL A 192 -8.41 2.22 -16.08
C VAL A 192 -9.59 1.79 -15.24
N ASP A 193 -9.39 0.92 -14.26
CA ASP A 193 -10.55 0.45 -13.49
C ASP A 193 -11.39 1.61 -13.08
N GLY A 194 -12.71 1.41 -13.11
CA GLY A 194 -13.66 2.42 -12.70
C GLY A 194 -14.01 3.47 -13.75
N GLN A 195 -13.14 3.65 -14.76
CA GLN A 195 -13.40 4.62 -15.84
C GLN A 195 -14.83 4.47 -16.40
N ARG A 196 -15.44 5.60 -16.73
CA ARG A 196 -16.80 5.61 -17.24
C ARG A 196 -16.89 6.21 -18.64
N ILE A 197 -17.67 5.54 -19.50
CA ILE A 197 -17.95 6.09 -20.83
C ILE A 197 -19.46 6.12 -20.92
N ARG A 198 -19.94 7.31 -21.28
CA ARG A 198 -21.34 7.65 -21.40
C ARG A 198 -21.85 7.53 -22.83
N LEU A 199 -23.09 7.05 -22.96
CA LEU A 199 -23.71 7.00 -24.27
C LEU A 199 -24.96 7.82 -24.10
N LYS A 200 -25.14 8.81 -24.97
CA LYS A 200 -26.26 9.75 -24.86
C LYS A 200 -27.57 9.25 -25.41
N GLY A 201 -28.64 9.50 -24.67
CA GLY A 201 -29.96 9.08 -25.07
C GLY A 201 -30.18 7.59 -24.88
N GLN A 202 -29.10 6.83 -24.85
CA GLN A 202 -29.22 5.39 -24.73
C GLN A 202 -29.68 4.82 -23.38
N GLY A 203 -30.68 5.45 -22.76
CA GLY A 203 -31.28 4.96 -21.50
C GLY A 203 -32.76 4.75 -21.84
N THR A 204 -33.65 4.92 -20.88
CA THR A 204 -35.09 4.81 -21.18
C THR A 204 -35.45 6.00 -22.11
N PRO A 205 -36.62 5.93 -22.78
CA PRO A 205 -37.01 7.03 -23.69
C PRO A 205 -37.69 8.24 -23.03
N GLY A 209 -42.53 11.17 -22.09
CA GLY A 209 -43.06 12.19 -22.99
C GLY A 209 -42.03 13.17 -23.55
N GLY A 210 -40.75 13.00 -23.18
CA GLY A 210 -39.65 13.89 -23.64
C GLY A 210 -38.31 13.19 -23.91
N PRO A 211 -37.17 13.83 -23.54
CA PRO A 211 -35.81 13.26 -23.78
C PRO A 211 -35.50 11.93 -23.09
N ASN A 212 -34.69 11.11 -23.76
CA ASN A 212 -34.36 9.77 -23.26
C ASN A 212 -33.26 9.78 -22.23
N GLY A 213 -33.14 8.70 -21.46
CA GLY A 213 -32.09 8.57 -20.46
C GLY A 213 -30.71 8.26 -21.08
N ASP A 214 -29.67 8.19 -20.23
CA ASP A 214 -28.29 7.91 -20.65
C ASP A 214 -27.71 6.56 -20.21
N LEU A 215 -26.78 6.04 -21.02
CA LEU A 215 -26.13 4.76 -20.74
C LEU A 215 -24.71 4.93 -20.20
N TRP A 216 -24.45 4.29 -19.06
CA TRP A 216 -23.14 4.33 -18.43
C TRP A 216 -22.37 3.01 -18.47
N LEU A 217 -21.24 3.05 -19.19
CA LEU A 217 -20.35 1.90 -19.28
C LEU A 217 -19.27 2.07 -18.25
N VAL A 218 -19.31 1.27 -17.19
CA VAL A 218 -18.26 1.38 -16.19
C VAL A 218 -17.22 0.27 -16.39
N ILE A 219 -16.02 0.69 -16.74
CA ILE A 219 -14.92 -0.25 -16.87
C ILE A 219 -14.64 -0.85 -15.51
N HIS A 220 -14.17 -2.09 -15.53
CA HIS A 220 -13.86 -2.78 -14.31
C HIS A 220 -12.70 -3.72 -14.50
N ILE A 221 -11.49 -3.17 -14.54
CA ILE A 221 -10.27 -3.96 -14.67
C ILE A 221 -9.96 -4.60 -13.33
N ALA A 222 -10.57 -5.75 -13.03
CA ALA A 222 -10.32 -6.43 -11.76
C ALA A 222 -8.84 -6.80 -11.61
N PRO A 223 -8.27 -6.65 -10.38
CA PRO A 223 -6.89 -6.90 -9.92
C PRO A 223 -6.10 -8.08 -10.50
N HIS A 224 -4.89 -7.81 -10.97
CA HIS A 224 -4.03 -8.82 -11.57
C HIS A 224 -3.20 -9.45 -10.46
N PRO A 225 -3.03 -10.77 -10.48
CA PRO A 225 -2.26 -11.48 -9.46
C PRO A 225 -0.73 -11.40 -9.53
N LEU A 226 -0.17 -10.39 -10.17
CA LEU A 226 1.29 -10.29 -10.29
C LEU A 226 1.77 -8.88 -10.49
N PHE A 227 0.98 -8.11 -11.22
CA PHE A 227 1.36 -6.77 -11.52
C PHE A 227 0.51 -5.81 -10.79
N ASP A 228 1.14 -4.91 -10.04
CA ASP A 228 0.41 -3.90 -9.33
C ASP A 228 0.59 -2.63 -10.13
N ILE A 229 -0.49 -1.89 -10.32
CA ILE A 229 -0.40 -0.69 -11.12
C ILE A 229 0.12 0.43 -10.28
N VAL A 230 0.95 1.25 -10.88
CA VAL A 230 1.47 2.41 -10.24
C VAL A 230 1.53 3.42 -11.38
N GLY A 231 0.40 4.11 -11.60
CA GLY A 231 0.30 5.09 -12.67
C GLY A 231 0.42 4.37 -14.00
N HIS A 232 1.31 4.84 -14.86
CA HIS A 232 1.52 4.19 -16.16
C HIS A 232 2.46 2.99 -16.03
N ASN A 233 3.01 2.77 -14.84
CA ASN A 233 3.96 1.68 -14.60
C ASN A 233 3.40 0.46 -13.89
N LEU A 234 4.10 -0.66 -14.03
CA LEU A 234 3.72 -1.91 -13.39
C LEU A 234 4.83 -2.39 -12.47
N GLU A 235 4.43 -3.16 -11.46
CA GLU A 235 5.39 -3.69 -10.52
C GLU A 235 5.22 -5.18 -10.28
N ILE A 236 6.33 -5.88 -10.24
CA ILE A 236 6.28 -7.30 -9.98
C ILE A 236 7.29 -7.71 -8.95
N VAL A 237 6.84 -8.51 -7.99
CA VAL A 237 7.73 -8.99 -6.94
C VAL A 237 8.60 -10.00 -7.61
N LEU A 238 9.91 -9.85 -7.42
CA LEU A 238 10.86 -10.77 -8.07
C LEU A 238 11.58 -11.65 -7.06
N PRO A 239 10.99 -12.77 -6.69
CA PRO A 239 11.69 -13.56 -5.70
C PRO A 239 13.05 -13.97 -6.15
N LEU A 240 14.07 -13.80 -5.31
CA LEU A 240 15.42 -14.28 -5.66
C LEU A 240 16.01 -15.09 -4.53
N ALA A 241 16.82 -16.09 -4.85
CA ALA A 241 17.49 -16.82 -3.78
C ALA A 241 18.65 -15.91 -3.37
N PRO A 242 19.06 -15.97 -2.10
CA PRO A 242 20.15 -15.15 -1.61
C PRO A 242 21.37 -15.18 -2.52
N TRP A 243 21.67 -16.34 -3.06
CA TRP A 243 22.81 -16.50 -3.91
C TRP A 243 22.58 -16.03 -5.35
N GLU A 244 21.37 -15.64 -5.69
CA GLU A 244 21.15 -15.11 -7.03
C GLU A 244 21.50 -13.64 -6.97
N ALA A 245 21.09 -12.98 -5.89
CA ALA A 245 21.38 -11.58 -5.72
C ALA A 245 22.89 -11.41 -5.55
N ALA A 246 23.45 -12.26 -4.70
CA ALA A 246 24.89 -12.24 -4.39
C ALA A 246 25.73 -12.46 -5.63
N LEU A 247 25.47 -13.58 -6.34
CA LEU A 247 26.23 -13.97 -7.54
C LEU A 247 25.84 -13.25 -8.82
N GLY A 248 24.57 -12.89 -8.95
CA GLY A 248 24.07 -12.19 -10.13
C GLY A 248 23.58 -13.24 -11.09
N ALA A 249 22.38 -13.06 -11.61
CA ALA A 249 21.83 -14.05 -12.50
C ALA A 249 21.05 -13.46 -13.66
N LYS A 250 20.42 -14.36 -14.41
CA LYS A 250 19.53 -14.01 -15.47
C LYS A 250 18.23 -14.78 -15.18
N VAL A 251 17.15 -14.05 -14.98
CA VAL A 251 15.88 -14.65 -14.60
C VAL A 251 14.76 -14.28 -15.56
N THR A 252 14.01 -15.30 -15.98
CA THR A 252 12.88 -15.10 -16.83
C THR A 252 11.80 -14.44 -16.01
N VAL A 253 11.26 -13.35 -16.52
CA VAL A 253 10.25 -12.62 -15.84
C VAL A 253 9.07 -12.47 -16.75
N PRO A 254 7.87 -12.62 -16.19
CA PRO A 254 6.66 -12.50 -17.00
C PRO A 254 6.32 -11.07 -17.32
N THR A 255 5.37 -10.92 -18.21
CA THR A 255 4.98 -9.61 -18.66
C THR A 255 3.52 -9.68 -18.99
N LEU A 256 2.89 -8.56 -19.25
CA LEU A 256 1.52 -8.68 -19.65
C LEU A 256 1.50 -9.49 -20.93
N LYS A 257 2.51 -9.27 -21.76
CA LYS A 257 2.63 -9.95 -23.05
C LYS A 257 3.42 -11.24 -22.97
N GLU A 258 4.72 -11.14 -23.25
CA GLU A 258 5.59 -12.30 -23.24
C GLU A 258 6.70 -12.03 -22.26
N SER A 259 7.25 -13.11 -21.75
CA SER A 259 8.32 -13.05 -20.79
C SER A 259 9.61 -12.45 -21.31
N ILE A 260 10.44 -11.97 -20.39
CA ILE A 260 11.75 -11.44 -20.75
C ILE A 260 12.81 -11.96 -19.77
N LEU A 261 14.02 -12.02 -20.27
CA LEU A 261 15.14 -12.51 -19.49
C LEU A 261 15.73 -11.29 -18.88
N LEU A 262 15.77 -11.23 -17.57
CA LEU A 262 16.25 -10.05 -16.87
C LEU A 262 17.62 -10.26 -16.25
N THR A 263 18.51 -9.29 -16.41
CA THR A 263 19.84 -9.42 -15.83
C THR A 263 19.84 -8.90 -14.43
N VAL A 264 20.11 -9.74 -13.44
CA VAL A 264 20.22 -9.30 -12.04
C VAL A 264 21.72 -9.14 -11.79
N PRO A 265 22.22 -7.90 -11.64
CA PRO A 265 23.66 -7.79 -11.39
C PRO A 265 24.07 -8.29 -10.02
N PRO A 266 25.32 -8.71 -9.88
CA PRO A 266 25.87 -9.21 -8.63
C PRO A 266 25.74 -8.15 -7.53
N GLY A 267 25.40 -8.54 -6.32
CA GLY A 267 25.27 -7.60 -5.24
C GLY A 267 23.92 -6.93 -5.16
N SER A 268 22.90 -7.53 -5.77
CA SER A 268 21.58 -6.90 -5.72
C SER A 268 20.96 -6.91 -4.29
N GLN A 269 20.05 -5.98 -4.04
CA GLN A 269 19.45 -5.73 -2.74
C GLN A 269 17.96 -5.92 -2.58
N ALA A 270 17.59 -6.38 -1.41
CA ALA A 270 16.20 -6.56 -1.06
C ALA A 270 15.53 -5.23 -1.33
N GLY A 271 14.42 -5.23 -2.05
CA GLY A 271 13.70 -4.01 -2.33
C GLY A 271 14.16 -3.24 -3.56
N GLN A 272 15.22 -3.72 -4.21
CA GLN A 272 15.75 -3.06 -5.40
C GLN A 272 14.81 -3.16 -6.58
N ARG A 273 14.82 -2.11 -7.38
CA ARG A 273 13.93 -1.99 -8.53
C ARG A 273 14.65 -2.15 -9.84
N LEU A 274 14.43 -3.28 -10.50
CA LEU A 274 15.03 -3.57 -11.79
C LEU A 274 13.99 -3.22 -12.88
N ARG A 275 14.37 -2.27 -13.74
CA ARG A 275 13.52 -1.75 -14.76
C ARG A 275 13.45 -2.52 -16.09
N ILE A 276 12.22 -2.78 -16.55
CA ILE A 276 11.96 -3.46 -17.81
C ILE A 276 11.18 -2.48 -18.65
N LYS A 277 11.89 -1.74 -19.47
CA LYS A 277 11.28 -0.69 -20.27
C LYS A 277 10.20 -1.12 -21.29
N GLY A 278 9.15 -0.31 -21.34
CA GLY A 278 8.06 -0.53 -22.26
C GLY A 278 7.12 -1.65 -21.89
N LYS A 279 7.42 -2.39 -20.82
CA LYS A 279 6.52 -3.45 -20.44
C LYS A 279 5.51 -2.98 -19.41
N GLY A 280 5.28 -1.67 -19.37
CA GLY A 280 4.30 -1.06 -18.49
C GLY A 280 3.06 -0.76 -19.31
N LEU A 281 2.17 0.07 -18.79
CA LEU A 281 0.93 0.36 -19.48
C LEU A 281 1.02 1.39 -20.60
N VAL A 282 0.17 1.19 -21.60
CA VAL A 282 0.15 2.05 -22.78
C VAL A 282 -0.96 3.05 -22.70
N SER A 283 -0.68 4.20 -22.08
CA SER A 283 -1.66 5.28 -22.02
C SER A 283 -1.83 5.84 -23.45
N LYS A 284 -2.60 6.90 -23.57
CA LYS A 284 -2.85 7.47 -24.90
C LYS A 284 -1.59 7.67 -25.74
N THR A 285 -0.62 8.40 -25.20
CA THR A 285 0.58 8.72 -25.95
C THR A 285 1.88 8.20 -25.34
N HIS A 286 1.78 7.63 -24.15
CA HIS A 286 2.96 7.17 -23.46
C HIS A 286 2.86 5.69 -23.10
N THR A 287 4.01 5.05 -22.98
CA THR A 287 4.06 3.64 -22.60
C THR A 287 4.94 3.48 -21.39
N GLY A 288 4.36 3.02 -20.28
CA GLY A 288 5.09 2.80 -19.03
C GLY A 288 6.06 1.65 -19.08
N ASP A 289 6.70 1.37 -17.93
CA ASP A 289 7.68 0.28 -17.81
C ASP A 289 7.25 -0.66 -16.73
N LEU A 290 7.95 -1.77 -16.63
CA LEU A 290 7.68 -2.75 -15.62
C LEU A 290 8.91 -2.82 -14.75
N PHE A 291 8.67 -2.82 -13.44
CA PHE A 291 9.74 -2.92 -12.48
C PHE A 291 9.64 -4.18 -11.68
N ALA A 292 10.71 -4.95 -11.75
CA ALA A 292 10.83 -6.17 -10.98
C ALA A 292 11.43 -5.71 -9.64
N VAL A 293 10.67 -5.86 -8.56
CA VAL A 293 11.13 -5.47 -7.24
C VAL A 293 11.63 -6.70 -6.45
N ILE A 294 12.94 -6.74 -6.25
CA ILE A 294 13.56 -7.88 -5.58
C ILE A 294 13.09 -8.15 -4.16
N LYS A 295 13.02 -9.43 -3.84
CA LYS A 295 12.62 -9.94 -2.54
C LYS A 295 13.44 -11.18 -2.31
N ILE A 296 14.31 -11.16 -1.30
CA ILE A 296 15.14 -12.34 -1.09
C ILE A 296 14.28 -13.37 -0.41
N VAL A 297 14.33 -14.60 -0.90
CA VAL A 297 13.57 -15.70 -0.30
C VAL A 297 14.50 -16.84 0.03
N MET A 298 14.18 -17.54 1.10
CA MET A 298 15.02 -18.59 1.58
C MET A 298 14.35 -19.92 1.48
N PRO A 299 15.15 -20.98 1.41
CA PRO A 299 14.59 -22.32 1.40
C PRO A 299 14.32 -22.75 2.83
N THR A 300 13.73 -23.93 3.00
CA THR A 300 13.40 -24.44 4.35
C THR A 300 14.64 -24.84 5.16
N LYS A 301 14.44 -25.44 6.33
CA LYS A 301 15.57 -25.75 7.21
C LYS A 301 16.66 -26.36 6.34
N PRO A 302 17.93 -25.95 6.55
CA PRO A 302 19.10 -26.51 5.82
C PRO A 302 19.60 -27.84 6.43
N ASP A 303 20.81 -28.26 6.03
CA ASP A 303 21.45 -29.51 6.52
C ASP A 303 22.94 -29.31 6.75
N GLU A 304 23.59 -30.28 7.40
CA GLU A 304 25.02 -30.16 7.68
C GLU A 304 25.76 -29.34 6.60
N LYS A 305 25.73 -29.78 5.33
CA LYS A 305 26.45 -29.04 4.27
C LYS A 305 26.04 -27.55 4.23
N ALA A 306 24.79 -27.28 3.89
CA ALA A 306 24.30 -25.89 3.81
C ALA A 306 24.66 -25.11 5.06
N ARG A 307 24.29 -25.67 6.19
CA ARG A 307 24.53 -25.06 7.48
C ARG A 307 26.02 -24.76 7.68
N GLU A 308 26.90 -25.65 7.23
CA GLU A 308 28.34 -25.43 7.37
C GLU A 308 28.79 -24.25 6.50
N LEU A 309 28.25 -24.12 5.29
CA LEU A 309 28.62 -23.01 4.41
C LEU A 309 28.04 -21.70 4.93
N TRP A 310 26.82 -21.73 5.46
CA TRP A 310 26.27 -20.51 6.03
C TRP A 310 27.20 -19.98 7.12
N GLN A 311 27.75 -20.87 7.96
CA GLN A 311 28.64 -20.40 9.03
C GLN A 311 29.87 -19.75 8.43
N GLN A 312 30.40 -20.34 7.36
CA GLN A 312 31.57 -19.75 6.78
C GLN A 312 31.18 -18.38 6.26
N LEU A 313 30.04 -18.30 5.58
CA LEU A 313 29.55 -17.02 5.08
C LEU A 313 29.53 -15.93 6.13
N ALA A 314 28.87 -16.23 7.25
CA ALA A 314 28.76 -15.26 8.33
C ALA A 314 30.13 -14.69 8.69
N ALA A 315 31.14 -15.54 8.78
CA ALA A 315 32.50 -15.12 9.11
C ALA A 315 33.07 -14.20 8.02
N ALA A 316 32.90 -14.63 6.78
CA ALA A 316 33.39 -13.88 5.64
C ALA A 316 32.81 -12.49 5.60
N GLU A 317 31.52 -12.37 5.93
CA GLU A 317 30.78 -11.11 5.92
C GLU A 317 30.45 -10.62 7.33
N ALA A 318 31.31 -10.99 8.27
CA ALA A 318 31.13 -10.64 9.68
C ALA A 318 30.87 -9.17 9.91
N SER A 319 31.39 -8.31 9.03
CA SER A 319 31.24 -6.86 9.20
C SER A 319 29.86 -6.35 8.83
N PHE A 320 29.08 -7.15 8.12
CA PHE A 320 27.78 -6.69 7.65
C PHE A 320 26.74 -6.53 8.75
N ASP A 321 26.12 -5.36 8.84
CA ASP A 321 25.14 -5.09 9.90
C ASP A 321 23.77 -4.79 9.31
N PRO A 322 22.92 -5.81 9.22
CA PRO A 322 21.60 -5.54 8.64
C PRO A 322 20.80 -4.55 9.45
N ARG A 323 20.93 -4.60 10.76
CA ARG A 323 20.16 -3.72 11.64
C ARG A 323 20.93 -2.45 12.01
N LYS A 324 21.73 -2.00 11.04
CA LYS A 324 22.54 -0.78 11.15
C LYS A 324 21.60 0.31 11.64
N THR A 325 20.46 0.39 10.95
CA THR A 325 19.42 1.35 11.21
C THR A 325 18.84 1.32 12.63
N TRP A 326 19.42 0.53 13.56
CA TRP A 326 18.96 0.52 14.96
C TRP A 326 20.13 0.92 15.85
N ALA B 137 -32.74 33.54 14.10
CA ALA B 137 -31.59 33.13 14.97
C ALA B 137 -31.19 31.65 14.77
N ALA B 138 -30.02 31.46 14.14
CA ALA B 138 -29.45 30.14 13.87
C ALA B 138 -28.08 30.04 14.54
N ARG B 139 -27.65 28.80 14.78
CA ARG B 139 -26.37 28.48 15.43
C ARG B 139 -25.22 28.68 14.46
N GLY B 140 -24.00 28.63 14.98
CA GLY B 140 -22.80 28.76 14.15
C GLY B 140 -22.39 27.38 13.69
N HIS B 141 -21.42 27.31 12.79
CA HIS B 141 -21.00 26.00 12.28
C HIS B 141 -19.79 25.46 13.00
N ASP B 142 -19.65 24.14 12.94
CA ASP B 142 -18.54 23.44 13.55
C ASP B 142 -17.25 23.57 12.75
N LEU B 143 -16.11 23.73 13.41
CA LEU B 143 -14.79 23.75 12.77
C LEU B 143 -14.12 22.44 13.08
N GLU B 144 -13.16 22.06 12.27
CA GLU B 144 -12.42 20.84 12.58
C GLU B 144 -10.95 21.07 12.34
N ILE B 145 -10.16 20.70 13.33
CA ILE B 145 -8.74 20.84 13.21
C ILE B 145 -8.18 19.48 13.42
N GLU B 146 -7.44 18.99 12.44
CA GLU B 146 -6.80 17.69 12.60
C GLU B 146 -5.46 17.86 13.27
N VAL B 147 -5.36 17.30 14.46
CA VAL B 147 -4.18 17.38 15.29
C VAL B 147 -3.28 16.15 15.18
N ALA B 148 -2.11 16.30 14.55
CA ALA B 148 -1.14 15.19 14.44
C ALA B 148 -0.43 15.02 15.78
N VAL B 149 -0.28 13.78 16.19
CA VAL B 149 0.31 13.47 17.48
C VAL B 149 1.31 12.33 17.35
N PHE B 150 2.56 12.60 17.72
CA PHE B 150 3.57 11.56 17.65
C PHE B 150 3.13 10.41 18.56
N LEU B 151 3.08 9.22 17.97
CA LEU B 151 2.68 8.02 18.66
C LEU B 151 3.28 7.94 20.06
N GLU B 152 4.58 8.16 20.12
CA GLU B 152 5.34 8.15 21.38
C GLU B 152 4.65 8.90 22.54
N GLU B 153 3.94 9.97 22.20
CA GLU B 153 3.23 10.75 23.19
C GLU B 153 1.85 10.17 23.48
N THR B 154 1.58 8.96 22.98
CA THR B 154 0.30 8.30 23.18
C THR B 154 -0.04 8.30 24.66
N LEU B 155 0.82 7.70 25.49
CA LEU B 155 0.53 7.64 26.93
C LEU B 155 0.90 8.95 27.61
N ALA B 156 1.44 9.88 26.82
CA ALA B 156 1.78 11.19 27.34
C ALA B 156 0.53 12.07 27.42
N GLU B 157 0.31 12.64 28.60
CA GLU B 157 -0.76 13.62 28.80
C GLU B 157 -0.19 14.93 28.30
N GLN B 158 -0.62 15.35 27.12
CA GLN B 158 0.11 16.36 26.39
C GLN B 158 -0.70 17.62 26.21
N THR B 159 0.02 18.73 26.01
CA THR B 159 -0.57 20.04 25.79
C THR B 159 -0.24 20.62 24.44
N ARG B 160 -1.26 20.83 23.63
CA ARG B 160 -1.03 21.43 22.35
C ARG B 160 -1.69 22.79 22.35
N THR B 161 -1.05 23.72 21.66
CA THR B 161 -1.55 25.06 21.46
C THR B 161 -2.30 25.01 20.18
N ILE B 162 -3.60 25.27 20.23
CA ILE B 162 -4.40 25.23 19.02
C ILE B 162 -4.56 26.68 18.61
N SER B 163 -4.51 26.96 17.30
CA SER B 163 -4.62 28.30 16.77
C SER B 163 -5.51 28.33 15.58
N TYR B 164 -6.49 29.23 15.54
CA TYR B 164 -7.36 29.27 14.39
C TYR B 164 -7.93 30.63 14.25
N ASN B 165 -8.48 30.90 13.08
CA ASN B 165 -9.07 32.17 12.81
C ASN B 165 -10.57 32.09 12.71
N LEU B 166 -11.24 33.16 13.08
CA LEU B 166 -12.68 33.30 12.94
C LEU B 166 -12.84 34.52 12.07
N PRO B 167 -13.41 34.33 10.90
CA PRO B 167 -13.64 35.35 9.89
C PRO B 167 -14.56 36.44 10.36
N VAL B 168 -14.31 37.64 9.87
CA VAL B 168 -15.12 38.82 10.19
C VAL B 168 -15.64 39.44 8.88
N TYR B 169 -16.95 39.66 8.81
CA TYR B 169 -17.59 40.13 7.57
C TYR B 169 -18.03 41.56 7.43
N ASN B 170 -17.93 42.03 6.18
CA ASN B 170 -18.36 43.35 5.69
C ASN B 170 -19.82 43.54 5.81
N VAL B 171 -20.23 44.78 5.64
CA VAL B 171 -21.62 45.09 5.60
C VAL B 171 -22.12 44.47 4.26
N PHE B 172 -21.23 44.36 3.26
CA PHE B 172 -21.58 43.74 1.99
C PHE B 172 -21.44 42.20 2.04
N GLY B 173 -21.15 41.67 3.22
CA GLY B 173 -21.04 40.22 3.40
C GLY B 173 -19.83 39.41 2.94
N MET B 174 -18.63 39.98 2.86
CA MET B 174 -17.49 39.12 2.51
C MET B 174 -16.51 39.25 3.65
N ILE B 175 -15.56 38.34 3.71
CA ILE B 175 -14.63 38.43 4.80
C ILE B 175 -13.82 39.67 4.56
N GLU B 176 -13.41 40.33 5.62
CA GLU B 176 -12.59 41.51 5.46
C GLU B 176 -11.49 41.50 6.50
N SER B 177 -11.51 40.47 7.33
CA SER B 177 -10.64 40.37 8.46
C SER B 177 -10.81 39.01 9.12
N GLU B 178 -9.80 38.52 9.84
CA GLU B 178 -9.92 37.26 10.58
C GLU B 178 -9.43 37.45 11.99
N THR B 179 -10.21 37.12 13.01
CA THR B 179 -9.69 37.37 14.35
C THR B 179 -8.92 36.13 14.71
N PRO B 180 -7.74 36.28 15.33
CA PRO B 180 -6.96 35.08 15.67
C PRO B 180 -7.27 34.52 17.05
N LYS B 181 -7.38 33.21 17.17
CA LYS B 181 -7.64 32.59 18.46
C LYS B 181 -6.64 31.52 18.79
N THR B 182 -6.44 31.29 20.09
CA THR B 182 -5.56 30.23 20.53
C THR B 182 -6.02 29.71 21.84
N LEU B 183 -5.86 28.42 22.04
CA LEU B 183 -6.20 27.78 23.30
C LEU B 183 -5.04 26.85 23.61
N ASN B 184 -4.80 26.61 24.87
CA ASN B 184 -3.81 25.64 25.19
C ASN B 184 -4.64 24.49 25.69
N VAL B 185 -4.89 23.54 24.79
CA VAL B 185 -5.72 22.39 25.12
C VAL B 185 -4.97 21.23 25.72
N LYS B 186 -5.43 20.76 26.88
CA LYS B 186 -4.82 19.60 27.58
C LYS B 186 -5.36 18.29 26.97
N ILE B 187 -4.58 17.69 26.06
CA ILE B 187 -4.95 16.42 25.44
C ILE B 187 -4.68 15.23 26.36
N PRO B 188 -5.74 14.47 26.76
CA PRO B 188 -5.59 13.25 27.57
C PRO B 188 -4.67 12.21 26.97
N ALA B 189 -4.08 11.36 27.81
CA ALA B 189 -3.19 10.28 27.34
C ALA B 189 -3.96 9.11 26.74
N GLY B 190 -3.25 8.34 25.92
CA GLY B 190 -3.79 7.17 25.24
C GLY B 190 -4.92 7.51 24.28
N VAL B 191 -4.84 8.68 23.66
CA VAL B 191 -5.85 9.07 22.70
C VAL B 191 -5.64 8.19 21.48
N VAL B 192 -6.63 7.43 21.07
CA VAL B 192 -6.46 6.55 19.92
C VAL B 192 -6.49 7.35 18.63
N ASP B 193 -5.85 6.80 17.60
CA ASP B 193 -5.85 7.44 16.31
C ASP B 193 -7.27 7.76 15.91
N GLY B 194 -7.43 8.84 15.12
CA GLY B 194 -8.74 9.28 14.59
C GLY B 194 -9.82 9.59 15.61
N GLN B 195 -9.47 9.55 16.89
CA GLN B 195 -10.48 9.76 17.91
C GLN B 195 -10.75 11.24 17.98
N ARG B 196 -11.95 11.58 18.40
CA ARG B 196 -12.40 12.97 18.45
C ARG B 196 -12.53 13.66 19.78
N ILE B 197 -12.23 14.96 19.81
CA ILE B 197 -12.36 15.72 21.04
C ILE B 197 -13.08 16.99 20.68
N ARG B 198 -14.01 17.36 21.55
CA ARG B 198 -14.87 18.53 21.38
C ARG B 198 -14.64 19.70 22.34
N LEU B 199 -14.48 20.87 21.74
CA LEU B 199 -14.31 22.10 22.48
C LEU B 199 -15.56 22.86 22.08
N LYS B 200 -16.52 22.91 22.99
CA LYS B 200 -17.81 23.51 22.71
C LYS B 200 -17.80 25.01 22.64
N GLY B 201 -18.53 25.54 21.66
CA GLY B 201 -18.62 26.96 21.48
C GLY B 201 -17.34 27.57 20.98
N GLN B 202 -16.38 26.73 20.61
CA GLN B 202 -15.08 27.20 20.11
C GLN B 202 -15.13 27.30 18.62
N GLY B 203 -16.25 26.88 18.05
CA GLY B 203 -16.43 26.93 16.62
C GLY B 203 -16.88 28.30 16.15
N THR B 204 -17.45 28.31 14.95
CA THR B 204 -17.92 29.51 14.29
C THR B 204 -19.02 30.23 15.01
N PRO B 205 -19.00 31.56 14.98
CA PRO B 205 -20.04 32.37 15.61
C PRO B 205 -21.42 32.08 15.08
N GLY B 206 -22.39 32.05 15.98
CA GLY B 206 -23.76 31.80 15.60
C GLY B 206 -24.27 33.04 14.90
N GLU B 207 -25.45 32.92 14.32
CA GLU B 207 -26.00 34.05 13.65
C GLU B 207 -27.03 34.67 14.59
N ASN B 208 -26.87 36.00 14.80
CA ASN B 208 -27.70 36.83 15.68
C ASN B 208 -27.21 36.76 17.12
N GLY B 210 -27.85 33.44 18.06
CA GLY B 210 -27.57 31.99 18.17
C GLY B 210 -26.26 31.63 18.89
N PRO B 211 -26.13 30.35 19.26
CA PRO B 211 -24.91 29.91 19.96
C PRO B 211 -23.74 29.64 19.00
N ASN B 212 -22.50 29.80 19.47
CA ASN B 212 -21.36 29.44 18.60
C ASN B 212 -21.38 27.96 18.24
N GLY B 213 -20.80 27.64 17.10
CA GLY B 213 -20.66 26.25 16.69
C GLY B 213 -19.55 25.64 17.58
N ASP B 214 -19.22 24.40 17.33
CA ASP B 214 -18.19 23.77 18.13
C ASP B 214 -16.90 23.54 17.34
N LEU B 215 -15.77 23.41 18.05
CA LEU B 215 -14.50 23.10 17.42
C LEU B 215 -14.16 21.68 17.77
N TRP B 216 -13.71 20.92 16.79
CA TRP B 216 -13.34 19.54 16.96
C TRP B 216 -11.88 19.29 16.61
N LEU B 217 -11.18 18.61 17.51
CA LEU B 217 -9.80 18.22 17.29
C LEU B 217 -9.88 16.76 16.96
N VAL B 218 -9.50 16.33 15.78
CA VAL B 218 -9.52 14.91 15.49
C VAL B 218 -8.07 14.44 15.55
N ILE B 219 -7.80 13.41 16.34
CA ILE B 219 -6.44 12.94 16.41
C ILE B 219 -6.03 12.13 15.17
N HIS B 220 -4.75 12.19 14.84
CA HIS B 220 -4.17 11.40 13.76
C HIS B 220 -2.76 10.98 14.24
N ILE B 221 -2.64 9.80 14.85
CA ILE B 221 -1.33 9.29 15.35
C ILE B 221 -0.28 9.37 14.24
N ALA B 222 0.91 9.85 14.57
CA ALA B 222 1.94 10.03 13.54
C ALA B 222 2.69 8.75 13.16
N PRO B 223 3.13 8.67 11.88
CA PRO B 223 3.81 7.49 11.31
C PRO B 223 5.17 7.21 11.95
N HIS B 224 5.23 6.20 12.82
CA HIS B 224 6.49 5.88 13.53
C HIS B 224 7.60 5.39 12.59
N PRO B 225 8.86 5.72 12.92
CA PRO B 225 10.02 5.33 12.09
C PRO B 225 10.32 3.83 12.06
N LEU B 226 9.96 3.15 13.14
CA LEU B 226 10.18 1.73 13.28
C LEU B 226 8.89 0.97 13.33
N PHE B 227 8.06 1.30 14.30
CA PHE B 227 6.79 0.61 14.51
C PHE B 227 5.74 1.09 13.58
N ASP B 228 4.70 0.28 13.43
CA ASP B 228 3.65 0.57 12.49
C ASP B 228 2.36 0.08 13.10
N ILE B 229 1.40 0.99 13.21
CA ILE B 229 0.12 0.64 13.82
C ILE B 229 -0.77 -0.17 12.89
N VAL B 230 -1.04 -1.40 13.29
CA VAL B 230 -1.92 -2.29 12.56
C VAL B 230 -2.72 -2.95 13.66
N GLY B 231 -3.97 -2.51 13.78
CA GLY B 231 -4.87 -3.02 14.80
C GLY B 231 -4.48 -2.42 16.13
N HIS B 232 -4.41 -3.26 17.16
CA HIS B 232 -4.05 -2.82 18.50
C HIS B 232 -2.56 -3.21 18.70
N ASN B 233 -1.99 -3.81 17.66
CA ASN B 233 -0.61 -4.26 17.66
C ASN B 233 0.30 -3.41 16.81
N LEU B 234 1.58 -3.57 17.07
CA LEU B 234 2.62 -2.85 16.38
C LEU B 234 3.45 -3.83 15.55
N GLU B 235 3.98 -3.33 14.43
CA GLU B 235 4.81 -4.12 13.55
C GLU B 235 6.16 -3.47 13.36
N ILE B 236 7.18 -4.32 13.34
CA ILE B 236 8.54 -3.89 13.18
C ILE B 236 9.14 -4.79 12.11
N VAL B 237 9.79 -4.22 11.11
CA VAL B 237 10.42 -5.05 10.10
C VAL B 237 11.70 -5.56 10.70
N LEU B 238 11.92 -6.86 10.63
CA LEU B 238 13.12 -7.47 11.17
C LEU B 238 14.14 -7.81 10.07
N PRO B 239 15.05 -6.87 9.76
CA PRO B 239 16.08 -7.15 8.76
C PRO B 239 16.96 -8.27 9.26
N LEU B 240 17.13 -9.28 8.43
CA LEU B 240 17.97 -10.40 8.76
C LEU B 240 18.89 -10.72 7.60
N ALA B 241 20.09 -11.16 7.93
CA ALA B 241 21.01 -11.55 6.90
C ALA B 241 20.53 -12.96 6.65
N PRO B 242 20.72 -13.45 5.42
CA PRO B 242 20.26 -14.77 5.06
C PRO B 242 20.82 -15.85 5.98
N TRP B 243 22.11 -15.80 6.28
CA TRP B 243 22.66 -16.78 7.22
C TRP B 243 21.94 -16.69 8.53
N GLU B 244 21.66 -15.47 9.00
CA GLU B 244 20.92 -15.33 10.26
C GLU B 244 19.57 -16.05 10.20
N ALA B 245 18.89 -15.98 9.05
CA ALA B 245 17.57 -16.62 8.91
C ALA B 245 17.70 -18.12 8.81
N ALA B 246 18.70 -18.58 8.09
CA ALA B 246 18.87 -20.01 7.92
C ALA B 246 19.32 -20.76 9.20
N LEU B 247 20.40 -20.29 9.81
CA LEU B 247 20.98 -20.90 11.01
C LEU B 247 20.11 -20.65 12.24
N GLY B 248 19.56 -19.44 12.29
CA GLY B 248 18.78 -18.97 13.43
C GLY B 248 19.73 -18.01 14.12
N ALA B 249 19.19 -17.05 14.87
CA ALA B 249 20.03 -16.10 15.60
C ALA B 249 19.23 -15.38 16.68
N LYS B 250 19.91 -14.94 17.72
CA LYS B 250 19.26 -14.20 18.78
C LYS B 250 19.71 -12.78 18.61
N VAL B 251 18.78 -11.88 18.34
CA VAL B 251 19.13 -10.48 18.17
C VAL B 251 18.21 -9.53 18.87
N THR B 252 18.82 -8.48 19.37
CA THR B 252 18.14 -7.47 20.14
C THR B 252 17.22 -6.64 19.25
N VAL B 253 15.98 -6.48 19.72
CA VAL B 253 14.95 -5.74 19.00
C VAL B 253 14.37 -4.66 19.92
N PRO B 254 14.15 -3.44 19.39
CA PRO B 254 13.59 -2.36 20.20
C PRO B 254 12.11 -2.49 20.46
N THR B 255 11.66 -1.89 21.57
CA THR B 255 10.27 -1.93 21.96
C THR B 255 9.84 -0.50 22.22
N LEU B 256 8.72 -0.33 22.89
CA LEU B 256 8.28 0.99 23.24
C LEU B 256 9.39 1.70 24.01
N LYS B 257 9.98 1.03 25.01
CA LYS B 257 11.07 1.65 25.81
C LYS B 257 12.44 0.93 25.70
N GLU B 258 12.64 -0.10 26.50
CA GLU B 258 13.89 -0.88 26.50
C GLU B 258 13.95 -1.82 25.30
N SER B 259 15.01 -2.61 25.20
CA SER B 259 15.21 -3.50 24.05
C SER B 259 15.32 -4.98 24.43
N ILE B 260 14.34 -5.78 24.02
CA ILE B 260 14.35 -7.22 24.35
C ILE B 260 15.30 -8.00 23.45
N LEU B 261 15.30 -9.33 23.60
CA LEU B 261 16.17 -10.22 22.80
C LEU B 261 15.35 -11.31 22.10
N LEU B 262 14.92 -11.02 20.86
CA LEU B 262 14.14 -11.98 20.09
C LEU B 262 15.04 -13.02 19.49
N THR B 263 14.56 -14.25 19.47
CA THR B 263 15.31 -15.37 18.93
C THR B 263 14.62 -15.77 17.64
N VAL B 264 15.38 -16.03 16.58
CA VAL B 264 14.80 -16.44 15.29
C VAL B 264 15.07 -17.93 15.08
N PRO B 265 14.02 -18.71 14.79
CA PRO B 265 14.24 -20.13 14.60
C PRO B 265 15.04 -20.44 13.35
N PRO B 266 15.59 -21.66 13.27
CA PRO B 266 16.32 -22.03 12.07
C PRO B 266 15.35 -22.24 10.90
N GLY B 267 15.76 -21.86 9.69
CA GLY B 267 14.93 -22.04 8.51
C GLY B 267 13.83 -21.00 8.28
N SER B 268 13.73 -20.01 9.16
CA SER B 268 12.72 -18.98 9.02
C SER B 268 12.74 -18.43 7.60
N GLN B 269 11.56 -18.03 7.16
CA GLN B 269 11.32 -17.56 5.81
C GLN B 269 11.04 -16.09 5.68
N ALA B 270 11.27 -15.53 4.50
CA ALA B 270 11.02 -14.11 4.27
C ALA B 270 9.54 -13.87 4.41
N GLY B 271 9.15 -12.91 5.25
CA GLY B 271 7.74 -12.60 5.47
C GLY B 271 7.25 -13.17 6.80
N GLN B 272 8.07 -14.06 7.34
CA GLN B 272 7.85 -14.73 8.62
C GLN B 272 7.34 -13.74 9.61
N ARG B 273 6.23 -14.09 10.24
CA ARG B 273 5.61 -13.21 11.21
C ARG B 273 5.85 -13.73 12.63
N LEU B 274 6.98 -13.29 13.21
CA LEU B 274 7.40 -13.63 14.57
C LEU B 274 6.80 -12.65 15.58
N ARG B 275 6.06 -13.18 16.56
CA ARG B 275 5.39 -12.37 17.57
C ARG B 275 6.17 -12.22 18.89
N ILE B 276 6.09 -11.03 19.49
CA ILE B 276 6.70 -10.74 20.79
C ILE B 276 5.57 -10.13 21.62
N LYS B 277 5.08 -10.89 22.58
CA LYS B 277 3.97 -10.43 23.43
C LYS B 277 4.40 -9.50 24.57
N GLY B 278 3.50 -8.59 24.96
CA GLY B 278 3.79 -7.66 26.05
C GLY B 278 4.35 -6.32 25.65
N LYS B 279 4.63 -6.15 24.35
CA LYS B 279 5.13 -4.89 23.83
C LYS B 279 4.26 -4.54 22.62
N GLY B 280 3.45 -3.49 22.74
CA GLY B 280 2.54 -3.09 21.67
C GLY B 280 1.71 -1.94 22.19
N LEU B 281 0.67 -1.56 21.46
CA LEU B 281 -0.16 -0.44 21.91
C LEU B 281 -0.57 -0.67 23.37
N VAL B 282 -0.50 0.39 24.18
CA VAL B 282 -0.87 0.33 25.62
C VAL B 282 -2.18 1.09 25.86
N SER B 283 -2.90 0.68 26.90
CA SER B 283 -4.17 1.30 27.31
C SER B 283 -4.71 0.64 28.57
N HIS B 286 -5.36 -2.25 28.81
CA HIS B 286 -4.49 -3.39 28.55
C HIS B 286 -3.32 -2.98 27.63
N THR B 287 -2.52 -3.96 27.20
CA THR B 287 -1.38 -3.73 26.31
C THR B 287 -1.42 -4.72 25.13
N GLY B 288 -0.89 -4.32 23.97
CA GLY B 288 -0.89 -5.16 22.75
C GLY B 288 0.40 -5.93 22.53
N ASP B 289 0.63 -6.37 21.30
CA ASP B 289 1.82 -7.17 20.95
C ASP B 289 2.55 -6.69 19.69
N LEU B 290 3.86 -6.91 19.67
CA LEU B 290 4.69 -6.50 18.57
C LEU B 290 4.94 -7.68 17.67
N PHE B 291 4.97 -7.45 16.38
CA PHE B 291 5.25 -8.50 15.44
C PHE B 291 6.52 -8.19 14.68
N ALA B 292 7.48 -9.09 14.76
CA ALA B 292 8.73 -8.95 14.05
C ALA B 292 8.50 -9.60 12.70
N VAL B 293 8.36 -8.76 11.67
CA VAL B 293 8.19 -9.29 10.34
C VAL B 293 9.53 -9.33 9.65
N ILE B 294 9.99 -10.55 9.44
CA ILE B 294 11.25 -10.80 8.82
C ILE B 294 11.32 -10.37 7.36
N LYS B 295 12.43 -9.69 7.05
CA LYS B 295 12.79 -9.26 5.72
C LYS B 295 14.25 -9.62 5.63
N ILE B 296 14.65 -10.17 4.49
CA ILE B 296 16.01 -10.62 4.26
C ILE B 296 16.82 -9.66 3.42
N VAL B 297 17.93 -9.23 3.97
CA VAL B 297 18.75 -8.29 3.27
C VAL B 297 20.14 -8.84 2.98
N MET B 298 20.80 -8.20 2.03
CA MET B 298 22.07 -8.67 1.52
C MET B 298 23.09 -7.62 1.62
N PRO B 299 24.34 -8.02 1.85
CA PRO B 299 25.44 -7.08 1.87
C PRO B 299 25.61 -6.66 0.43
N THR B 300 26.60 -5.83 0.13
CA THR B 300 26.77 -5.41 -1.23
C THR B 300 27.43 -6.55 -2.02
N LYS B 301 28.00 -6.26 -3.18
CA LYS B 301 28.68 -7.25 -4.00
C LYS B 301 29.83 -7.80 -3.15
N PRO B 302 29.99 -9.14 -3.08
CA PRO B 302 31.01 -9.82 -2.30
C PRO B 302 32.39 -9.97 -2.94
N ASP B 303 33.44 -9.95 -2.11
CA ASP B 303 34.84 -10.10 -2.57
C ASP B 303 35.15 -11.54 -2.96
N GLU B 304 36.33 -11.76 -3.51
CA GLU B 304 36.69 -13.08 -4.02
C GLU B 304 36.27 -14.25 -3.17
N LYS B 305 36.63 -14.24 -1.89
CA LYS B 305 36.35 -15.37 -1.01
C LYS B 305 34.87 -15.52 -0.70
N ALA B 306 34.24 -14.46 -0.25
CA ALA B 306 32.80 -14.56 0.04
C ALA B 306 32.04 -15.05 -1.20
N ARG B 307 32.56 -14.76 -2.39
CA ARG B 307 31.92 -15.19 -3.63
C ARG B 307 31.92 -16.71 -3.66
N GLU B 308 33.10 -17.30 -3.75
CA GLU B 308 33.26 -18.76 -3.68
C GLU B 308 32.23 -19.42 -2.78
N LEU B 309 32.14 -18.92 -1.58
CA LEU B 309 31.24 -19.50 -0.65
C LEU B 309 29.88 -19.51 -1.27
N TRP B 310 29.37 -18.34 -1.64
CA TRP B 310 28.05 -18.26 -2.29
C TRP B 310 27.86 -19.29 -3.42
N GLN B 311 28.89 -19.49 -4.22
CA GLN B 311 28.81 -20.44 -5.31
C GLN B 311 28.58 -21.82 -4.73
N GLN B 312 29.24 -22.09 -3.60
CA GLN B 312 29.11 -23.39 -2.96
C GLN B 312 27.74 -23.55 -2.35
N LEU B 313 27.18 -22.52 -1.71
CA LEU B 313 25.81 -22.70 -1.21
C LEU B 313 24.92 -22.96 -2.41
N ALA B 314 25.12 -22.16 -3.46
CA ALA B 314 24.35 -22.30 -4.68
C ALA B 314 24.38 -23.76 -5.07
N ALA B 315 25.58 -24.34 -5.05
CA ALA B 315 25.70 -25.74 -5.38
C ALA B 315 24.93 -26.57 -4.35
N ALA B 316 25.16 -26.32 -3.07
CA ALA B 316 24.50 -27.06 -2.01
C ALA B 316 23.00 -27.05 -2.21
N GLU B 317 22.44 -25.87 -2.44
CA GLU B 317 21.00 -25.71 -2.60
C GLU B 317 20.55 -25.58 -4.04
N ALA B 318 21.28 -26.18 -4.96
CA ALA B 318 20.92 -26.12 -6.38
C ALA B 318 19.46 -26.52 -6.68
N SER B 319 18.83 -27.31 -5.84
CA SER B 319 17.47 -27.77 -6.13
C SER B 319 16.39 -26.76 -5.80
N PHE B 320 16.73 -25.76 -5.00
CA PHE B 320 15.74 -24.76 -4.55
C PHE B 320 15.15 -23.88 -5.66
N ASP B 321 13.81 -23.89 -5.75
CA ASP B 321 13.11 -23.09 -6.73
C ASP B 321 12.47 -21.89 -6.06
N PRO B 322 13.14 -20.72 -6.14
CA PRO B 322 12.55 -19.55 -5.50
C PRO B 322 11.33 -18.99 -6.23
N ARG B 323 10.94 -19.58 -7.35
CA ARG B 323 9.84 -19.05 -8.13
C ARG B 323 8.95 -20.16 -8.61
N LYS B 324 8.56 -21.02 -7.68
CA LYS B 324 7.66 -22.14 -7.99
C LYS B 324 6.29 -21.52 -8.37
N THR B 325 5.98 -20.34 -7.80
CA THR B 325 4.73 -19.61 -8.08
C THR B 325 4.50 -19.29 -9.55
N TRP B 326 5.56 -18.90 -10.26
CA TRP B 326 5.44 -18.62 -11.70
C TRP B 326 5.53 -19.94 -12.46
#